data_3EVI
#
_entry.id   3EVI
#
_cell.length_a   44.594
_cell.length_b   44.594
_cell.length_c   141.971
_cell.angle_alpha   90.00
_cell.angle_beta   90.00
_cell.angle_gamma   120.00
#
_symmetry.space_group_name_H-M   'P 31'
#
loop_
_entity.id
_entity.type
_entity.pdbx_description
1 polymer 'Phosducin-like protein 2'
2 non-polymer DI(HYDROXYETHYL)ETHER
3 non-polymer 'SODIUM ION'
4 water water
#
_entity_poly.entity_id   1
_entity_poly.type   'polypeptide(L)'
_entity_poly.pdbx_seq_one_letter_code
;KFGELREISGNQYVNEVTNAEEDVWVIIHLYRSSIPMCLLVNQHLSLLARKFPETKFVKAIVNSCIQHYHDNCLPTIFVY
KNGQIEAKFIGIIECGGINLKLEELEWKLAEVGAIQTD
;
_entity_poly.pdbx_strand_id   A,B
#
loop_
_chem_comp.id
_chem_comp.type
_chem_comp.name
_chem_comp.formula
NA non-polymer 'SODIUM ION' 'Na 1'
PEG non-polymer DI(HYDROXYETHYL)ETHER 'C4 H10 O3'
#
# COMPACT_ATOMS: atom_id res chain seq x y z
N LYS A 1 -22.62 10.82 -7.48
CA LYS A 1 -21.79 9.57 -7.56
C LYS A 1 -21.16 9.23 -6.20
N PHE A 2 -20.48 10.21 -5.60
CA PHE A 2 -19.89 10.08 -4.26
C PHE A 2 -20.48 11.13 -3.34
N GLY A 3 -19.77 12.24 -3.13
CA GLY A 3 -20.35 13.42 -2.49
C GLY A 3 -19.92 13.79 -1.08
N GLU A 4 -19.45 12.82 -0.31
CA GLU A 4 -19.02 13.06 1.06
C GLU A 4 -17.60 12.57 1.34
N LEU A 5 -16.93 13.21 2.28
CA LEU A 5 -15.58 12.79 2.65
C LEU A 5 -15.65 11.62 3.57
N ARG A 6 -14.89 10.58 3.26
CA ARG A 6 -14.96 9.30 3.95
C ARG A 6 -13.71 8.93 4.70
N GLU A 7 -13.89 8.41 5.91
CA GLU A 7 -12.80 7.88 6.68
C GLU A 7 -12.58 6.44 6.32
N ILE A 8 -11.33 6.09 6.06
CA ILE A 8 -10.94 4.70 5.80
C ILE A 8 -9.74 4.29 6.65
N SER A 9 -9.57 2.98 6.84
CA SER A 9 -8.41 2.45 7.57
C SER A 9 -7.28 2.10 6.62
N GLY A 10 -6.18 1.61 7.17
CA GLY A 10 -5.03 1.20 6.39
C GLY A 10 -5.33 0.07 5.43
N ASN A 11 -6.02 -0.96 5.89
CA ASN A 11 -6.38 -2.11 5.05
C ASN A 11 -7.50 -1.86 4.04
N GLN A 12 -8.06 -0.65 4.05
CA GLN A 12 -9.04 -0.27 3.05
C GLN A 12 -8.39 0.60 1.99
N TYR A 13 -7.12 0.93 2.20
CA TYR A 13 -6.37 1.78 1.27
C TYR A 13 -6.33 1.20 -0.13
N VAL A 14 -5.88 -0.05 -0.22
CA VAL A 14 -5.73 -0.73 -1.51
C VAL A 14 -7.07 -0.79 -2.25
N ASN A 15 -8.15 -1.13 -1.56
CA ASN A 15 -9.44 -1.25 -2.21
C ASN A 15 -9.98 0.09 -2.68
N GLU A 16 -9.97 1.06 -1.78
CA GLU A 16 -10.58 2.37 -2.00
C GLU A 16 -9.78 3.31 -2.89
N VAL A 17 -8.47 3.11 -2.97
CA VAL A 17 -7.62 4.12 -3.60
C VAL A 17 -6.88 3.56 -4.82
N THR A 18 -6.14 2.48 -4.61
CA THR A 18 -5.35 1.87 -5.67
C THR A 18 -6.21 1.14 -6.66
N ASN A 19 -7.33 0.60 -6.19
CA ASN A 19 -8.24 -0.16 -7.05
C ASN A 19 -9.57 0.55 -7.25
N ALA A 20 -9.55 1.88 -7.13
CA ALA A 20 -10.75 2.68 -7.28
C ALA A 20 -11.28 2.57 -8.69
N GLU A 21 -12.59 2.72 -8.84
CA GLU A 21 -13.26 2.66 -10.13
C GLU A 21 -12.41 3.29 -11.22
N GLU A 22 -12.39 2.64 -12.40
CA GLU A 22 -11.58 3.11 -13.51
C GLU A 22 -11.95 4.52 -13.97
N ASP A 23 -10.94 5.40 -14.01
CA ASP A 23 -11.11 6.77 -14.52
C ASP A 23 -11.60 7.74 -13.45
N VAL A 24 -11.61 7.30 -12.20
CA VAL A 24 -12.04 8.14 -11.10
C VAL A 24 -10.85 8.74 -10.40
N TRP A 25 -10.96 10.02 -10.05
CA TRP A 25 -9.95 10.66 -9.23
C TRP A 25 -10.21 10.42 -7.77
N VAL A 26 -9.19 9.95 -7.07
CA VAL A 26 -9.27 9.74 -5.64
C VAL A 26 -8.31 10.72 -4.98
N ILE A 27 -8.82 11.38 -3.94
CA ILE A 27 -8.05 12.33 -3.15
C ILE A 27 -8.01 11.82 -1.71
N ILE A 28 -6.87 11.23 -1.35
CA ILE A 28 -6.70 10.68 -0.01
C ILE A 28 -5.85 11.62 0.82
N HIS A 29 -6.36 11.96 2.01
CA HIS A 29 -5.66 12.79 2.97
C HIS A 29 -5.13 11.89 4.08
N LEU A 30 -3.82 11.83 4.20
CA LEU A 30 -3.16 11.06 5.24
C LEU A 30 -2.86 11.99 6.41
N TYR A 31 -3.50 11.72 7.55
CA TYR A 31 -3.52 12.70 8.62
C TYR A 31 -3.40 12.17 10.06
N ARG A 32 -3.18 13.12 10.97
CA ARG A 32 -3.18 12.96 12.42
C ARG A 32 -3.98 14.10 13.04
N SER A 33 -5.01 13.77 13.83
CA SER A 33 -5.84 14.80 14.47
C SER A 33 -5.07 15.75 15.38
N SER A 34 -3.87 15.33 15.75
CA SER A 34 -2.98 16.04 16.67
C SER A 34 -2.39 17.27 16.01
N ILE A 35 -2.48 17.33 14.68
CA ILE A 35 -1.89 18.41 13.88
C ILE A 35 -2.94 19.39 13.33
N PRO A 36 -2.92 20.64 13.83
CA PRO A 36 -3.95 21.66 13.50
C PRO A 36 -4.22 21.80 12.00
N MET A 37 -3.17 21.78 11.19
CA MET A 37 -3.30 21.81 9.73
C MET A 37 -4.16 20.66 9.19
N CYS A 38 -4.03 19.46 9.76
CA CYS A 38 -4.83 18.30 9.35
C CYS A 38 -6.31 18.50 9.66
N LEU A 39 -6.59 18.99 10.85
CA LEU A 39 -7.94 19.36 11.25
C LEU A 39 -8.55 20.30 10.22
N LEU A 40 -7.81 21.36 9.88
CA LEU A 40 -8.24 22.35 8.90
C LEU A 40 -8.41 21.79 7.49
N VAL A 41 -7.48 20.95 7.06
CA VAL A 41 -7.49 20.43 5.69
C VAL A 41 -8.73 19.57 5.47
N ASN A 42 -9.09 18.80 6.48
CA ASN A 42 -10.29 17.97 6.45
C ASN A 42 -11.57 18.79 6.39
N GLN A 43 -11.54 20.00 6.98
CA GLN A 43 -12.70 20.89 6.96
C GLN A 43 -13.03 21.22 5.52
N HIS A 44 -12.00 21.67 4.78
CA HIS A 44 -12.17 22.05 3.38
C HIS A 44 -12.53 20.84 2.52
N LEU A 45 -11.92 19.70 2.82
CA LEU A 45 -12.15 18.50 2.02
C LEU A 45 -13.56 17.96 2.18
N SER A 46 -14.14 18.12 3.38
CA SER A 46 -15.52 17.73 3.62
C SER A 46 -16.44 18.54 2.72
N LEU A 47 -16.15 19.84 2.65
CA LEU A 47 -16.90 20.79 1.84
C LEU A 47 -16.70 20.55 0.35
N LEU A 48 -15.47 20.23 -0.04
CA LEU A 48 -15.13 20.05 -1.46
C LEU A 48 -15.68 18.73 -2.01
N ALA A 49 -15.85 17.77 -1.14
CA ALA A 49 -16.42 16.50 -1.52
C ALA A 49 -17.84 16.71 -2.02
N ARG A 50 -18.58 17.55 -1.31
CA ARG A 50 -19.97 17.82 -1.63
C ARG A 50 -20.12 18.62 -2.92
N LYS A 51 -19.15 19.49 -3.16
CA LYS A 51 -19.14 20.32 -4.36
C LYS A 51 -18.70 19.55 -5.59
N PHE A 52 -17.96 18.45 -5.38
CA PHE A 52 -17.47 17.65 -6.50
C PHE A 52 -17.77 16.16 -6.34
N PRO A 53 -19.07 15.79 -6.40
CA PRO A 53 -19.50 14.41 -6.16
C PRO A 53 -18.91 13.37 -7.11
N GLU A 54 -18.34 13.82 -8.22
CA GLU A 54 -17.69 12.94 -9.17
C GLU A 54 -16.32 12.44 -8.67
N THR A 55 -15.62 13.27 -7.91
CA THR A 55 -14.34 12.88 -7.32
C THR A 55 -14.49 12.13 -6.00
N LYS A 56 -13.66 11.11 -5.82
CA LYS A 56 -13.66 10.37 -4.57
C LYS A 56 -12.76 11.06 -3.55
N PHE A 57 -13.29 11.22 -2.34
CA PHE A 57 -12.62 11.91 -1.25
C PHE A 57 -12.52 10.98 -0.03
N VAL A 58 -11.32 10.50 0.27
CA VAL A 58 -11.12 9.68 1.49
C VAL A 58 -10.03 10.26 2.37
N LYS A 59 -10.07 9.90 3.65
CA LYS A 59 -9.07 10.35 4.62
C LYS A 59 -8.75 9.21 5.59
N ALA A 60 -7.55 9.26 6.15
CA ALA A 60 -7.05 8.16 6.96
C ALA A 60 -5.97 8.64 7.90
N ILE A 61 -5.99 8.09 9.11
CA ILE A 61 -5.01 8.37 10.12
C ILE A 61 -3.74 7.58 9.78
N VAL A 62 -2.69 8.27 9.33
CA VAL A 62 -1.44 7.62 8.86
C VAL A 62 -0.95 6.44 9.68
N ASN A 63 -1.17 6.50 10.99
CA ASN A 63 -0.70 5.47 11.90
C ASN A 63 -1.20 4.08 11.56
N SER A 64 -2.39 4.01 10.97
CA SER A 64 -2.92 2.73 10.49
C SER A 64 -2.61 2.46 9.01
N CYS A 65 -1.90 3.37 8.34
CA CYS A 65 -1.43 3.15 6.95
C CYS A 65 0.08 2.90 6.88
N ILE A 66 0.85 3.84 7.40
CA ILE A 66 2.30 3.75 7.47
C ILE A 66 2.74 4.05 8.88
N GLN A 67 3.37 3.06 9.51
CA GLN A 67 3.86 3.22 10.87
C GLN A 67 5.10 4.10 10.94
N HIS A 68 5.22 4.84 12.05
CA HIS A 68 6.34 5.77 12.32
C HIS A 68 6.46 6.93 11.32
N TYR A 69 5.32 7.34 10.78
CA TYR A 69 5.27 8.47 9.85
C TYR A 69 5.60 9.76 10.61
N HIS A 70 6.41 10.61 9.99
CA HIS A 70 6.90 11.81 10.66
C HIS A 70 5.95 13.00 10.54
N ASP A 71 5.79 13.72 11.66
CA ASP A 71 4.97 14.93 11.68
C ASP A 71 5.30 15.89 10.54
N ASN A 72 6.58 16.02 10.22
CA ASN A 72 7.03 16.94 9.18
C ASN A 72 6.62 16.58 7.75
N CYS A 73 6.03 15.39 7.59
CA CYS A 73 5.47 14.95 6.31
C CYS A 73 3.95 15.13 6.30
N LEU A 74 3.43 15.73 7.36
CA LEU A 74 2.00 15.97 7.45
C LEU A 74 1.66 17.47 7.28
N PRO A 75 0.49 17.78 6.69
CA PRO A 75 -0.48 16.81 6.12
C PRO A 75 0.08 16.16 4.88
N THR A 76 -0.41 14.96 4.56
CA THR A 76 -0.14 14.35 3.29
C THR A 76 -1.42 14.15 2.50
N ILE A 77 -1.42 14.70 1.29
CA ILE A 77 -2.48 14.46 0.31
C ILE A 77 -1.87 13.81 -0.91
N PHE A 78 -2.41 12.66 -1.29
CA PHE A 78 -2.07 12.04 -2.58
C PHE A 78 -3.27 12.11 -3.50
N VAL A 79 -3.03 12.35 -4.78
CA VAL A 79 -4.07 12.28 -5.80
C VAL A 79 -3.81 11.08 -6.74
N TYR A 80 -4.84 10.28 -6.96
CA TYR A 80 -4.73 9.03 -7.70
C TYR A 80 -5.72 8.95 -8.83
N LYS A 81 -5.32 8.32 -9.93
CA LYS A 81 -6.28 7.87 -10.93
C LYS A 81 -5.77 6.59 -11.52
N ASN A 82 -6.65 5.59 -11.57
CA ASN A 82 -6.33 4.25 -12.11
C ASN A 82 -5.12 3.64 -11.42
N GLY A 83 -5.06 3.83 -10.09
CA GLY A 83 -3.98 3.32 -9.25
C GLY A 83 -2.63 3.97 -9.44
N GLN A 84 -2.59 5.12 -10.10
CA GLN A 84 -1.34 5.86 -10.29
C GLN A 84 -1.39 7.20 -9.58
N ILE A 85 -0.25 7.62 -9.04
CA ILE A 85 -0.17 8.91 -8.35
C ILE A 85 -0.02 10.06 -9.35
N GLU A 86 -0.99 10.96 -9.34
CA GLU A 86 -1.00 12.11 -10.22
C GLU A 86 -0.39 13.33 -9.52
N ALA A 87 -0.51 13.38 -8.20
CA ALA A 87 0.08 14.46 -7.43
C ALA A 87 0.35 14.03 -6.00
N LYS A 88 1.40 14.61 -5.42
CA LYS A 88 1.75 14.44 -4.02
C LYS A 88 1.90 15.80 -3.37
N PHE A 89 1.22 16.01 -2.25
CA PHE A 89 1.43 17.18 -1.40
C PHE A 89 1.80 16.69 0.00
N ILE A 90 3.07 16.89 0.36
CA ILE A 90 3.63 16.37 1.60
C ILE A 90 4.15 17.50 2.52
N GLY A 91 3.56 17.60 3.71
CA GLY A 91 4.00 18.62 4.66
C GLY A 91 3.30 19.96 4.47
N ILE A 92 3.57 20.88 5.40
CA ILE A 92 2.83 22.14 5.53
C ILE A 92 2.96 23.01 4.29
N ILE A 93 4.19 23.17 3.81
CA ILE A 93 4.47 24.07 2.70
C ILE A 93 3.71 23.70 1.42
N GLU A 94 3.63 22.39 1.15
CA GLU A 94 3.04 21.86 -0.08
C GLU A 94 1.52 21.84 -0.02
N CYS A 95 0.99 21.54 1.16
CA CYS A 95 -0.44 21.55 1.37
C CYS A 95 -0.96 22.99 1.47
N GLY A 96 -0.04 23.97 1.41
CA GLY A 96 -0.38 25.37 1.25
C GLY A 96 -0.45 26.20 2.51
N GLY A 97 0.50 25.98 3.43
CA GLY A 97 0.67 26.82 4.63
C GLY A 97 -0.41 26.74 5.70
N ILE A 98 -0.08 27.21 6.90
CA ILE A 98 -0.98 27.10 8.05
C ILE A 98 -2.32 27.83 7.90
N ASN A 99 -2.30 29.01 7.29
CA ASN A 99 -3.52 29.66 6.84
C ASN A 99 -3.78 29.15 5.45
N LEU A 100 -4.93 28.52 5.25
CA LEU A 100 -5.26 27.91 3.95
C LEU A 100 -6.77 27.92 3.83
N LYS A 101 -7.28 28.67 2.87
CA LYS A 101 -8.71 28.80 2.69
C LYS A 101 -9.27 27.78 1.68
N LEU A 102 -10.58 27.55 1.80
CA LEU A 102 -11.31 26.61 0.96
C LEU A 102 -10.91 26.69 -0.49
N GLU A 103 -10.96 27.90 -1.04
CA GLU A 103 -10.73 28.14 -2.46
C GLU A 103 -9.29 27.90 -2.91
N GLU A 104 -8.35 27.98 -1.98
CA GLU A 104 -6.93 27.78 -2.29
C GLU A 104 -6.61 26.32 -2.50
N LEU A 105 -7.19 25.47 -1.66
CA LEU A 105 -7.01 24.03 -1.77
C LEU A 105 -7.76 23.52 -3.01
N GLU A 106 -8.94 24.10 -3.25
CA GLU A 106 -9.75 23.78 -4.44
C GLU A 106 -8.89 23.94 -5.68
N TRP A 107 -8.34 25.14 -5.83
CA TRP A 107 -7.43 25.48 -6.90
C TRP A 107 -6.24 24.51 -6.98
N LYS A 108 -5.69 24.17 -5.81
CA LYS A 108 -4.49 23.32 -5.71
C LYS A 108 -4.75 21.97 -6.35
N LEU A 109 -5.90 21.40 -6.02
CA LEU A 109 -6.33 20.11 -6.52
C LEU A 109 -6.74 20.22 -7.98
N ALA A 110 -7.16 21.42 -8.38
CA ALA A 110 -7.62 21.70 -9.74
C ALA A 110 -6.51 21.70 -10.78
N GLU A 111 -5.42 22.41 -10.52
CA GLU A 111 -4.35 22.53 -11.53
C GLU A 111 -3.68 21.20 -11.82
N VAL A 112 -4.00 20.21 -11.00
CA VAL A 112 -3.42 18.90 -11.11
C VAL A 112 -4.44 17.93 -11.71
N GLY A 113 -5.71 18.31 -11.65
CA GLY A 113 -6.75 17.68 -12.45
C GLY A 113 -7.77 16.88 -11.67
N ALA A 114 -7.64 16.92 -10.36
CA ALA A 114 -8.43 16.07 -9.46
C ALA A 114 -9.91 16.40 -9.42
N ILE A 115 -10.26 17.68 -9.56
CA ILE A 115 -11.66 18.08 -9.55
C ILE A 115 -12.08 18.94 -10.73
N GLN A 116 -13.28 18.67 -11.24
CA GLN A 116 -13.85 19.36 -12.40
C GLN A 116 -15.33 19.63 -12.15
N THR A 117 -15.96 20.47 -12.96
CA THR A 117 -17.41 20.62 -12.93
C THR A 117 -17.98 20.30 -14.30
N ASP A 118 -19.05 20.99 -14.68
CA ASP A 118 -19.67 20.85 -16.01
C ASP A 118 -20.27 22.17 -16.53
N LYS B 1 22.96 -10.54 6.34
CA LYS B 1 22.24 -9.24 6.17
C LYS B 1 20.82 -9.30 6.73
N PHE B 2 20.09 -10.35 6.36
CA PHE B 2 18.74 -10.60 6.89
C PHE B 2 18.71 -11.97 7.55
N GLY B 3 18.19 -12.97 6.85
CA GLY B 3 18.34 -14.36 7.26
C GLY B 3 17.14 -15.11 7.79
N GLU B 4 16.15 -14.40 8.31
CA GLU B 4 14.92 -15.03 8.85
C GLU B 4 13.65 -14.47 8.23
N LEU B 5 12.62 -15.30 8.14
CA LEU B 5 11.33 -14.85 7.66
C LEU B 5 10.60 -14.10 8.76
N ARG B 6 10.13 -12.90 8.43
CA ARG B 6 9.54 -12.05 9.46
C ARG B 6 8.10 -11.62 9.21
N GLU B 7 7.29 -11.68 10.26
CA GLU B 7 5.91 -11.25 10.23
C GLU B 7 5.83 -9.73 10.28
N ILE B 8 5.06 -9.14 9.37
CA ILE B 8 4.74 -7.71 9.42
C ILE B 8 3.23 -7.46 9.36
N SER B 9 2.80 -6.27 9.78
CA SER B 9 1.39 -5.88 9.67
C SER B 9 1.17 -5.08 8.39
N GLY B 10 -0.07 -4.64 8.18
CA GLY B 10 -0.41 -3.85 7.00
C GLY B 10 0.31 -2.51 6.97
N ASN B 11 0.34 -1.82 8.11
CA ASN B 11 0.98 -0.52 8.18
C ASN B 11 2.50 -0.56 8.19
N GLN B 12 3.07 -1.76 8.15
CA GLN B 12 4.51 -1.90 8.00
C GLN B 12 4.88 -2.30 6.59
N TYR B 13 3.86 -2.55 5.76
CA TYR B 13 4.06 -2.91 4.35
C TYR B 13 4.87 -1.86 3.61
N VAL B 14 4.42 -0.61 3.68
CA VAL B 14 5.06 0.48 2.94
C VAL B 14 6.53 0.60 3.34
N ASN B 15 6.82 0.54 4.64
CA ASN B 15 8.19 0.72 5.11
C ASN B 15 9.07 -0.44 4.71
N GLU B 16 8.61 -1.66 4.98
CA GLU B 16 9.38 -2.88 4.80
C GLU B 16 9.52 -3.37 3.36
N VAL B 17 8.56 -3.01 2.51
CA VAL B 17 8.50 -3.59 1.16
C VAL B 17 8.70 -2.56 0.05
N THR B 18 7.87 -1.52 0.05
CA THR B 18 7.91 -0.49 -0.98
C THR B 18 9.12 0.41 -0.81
N ASN B 19 9.54 0.61 0.43
CA ASN B 19 10.67 1.48 0.73
C ASN B 19 11.88 0.70 1.24
N ALA B 20 11.97 -0.56 0.86
CA ALA B 20 13.07 -1.42 1.29
C ALA B 20 14.38 -0.90 0.75
N GLU B 21 15.45 -1.20 1.47
CA GLU B 21 16.80 -0.80 1.07
C GLU B 21 17.00 -0.94 -0.43
N GLU B 22 17.60 0.10 -1.02
CA GLU B 22 17.84 0.15 -2.45
C GLU B 22 18.62 -1.07 -2.97
N ASP B 23 18.04 -1.72 -3.97
CA ASP B 23 18.67 -2.84 -4.66
C ASP B 23 18.45 -4.18 -3.98
N VAL B 24 17.64 -4.20 -2.94
CA VAL B 24 17.36 -5.42 -2.20
C VAL B 24 16.07 -6.06 -2.71
N TRP B 25 16.12 -7.37 -2.95
CA TRP B 25 14.92 -8.10 -3.33
C TRP B 25 14.12 -8.39 -2.08
N VAL B 26 12.82 -8.10 -2.13
CA VAL B 26 11.92 -8.41 -1.04
C VAL B 26 10.91 -9.41 -1.56
N ILE B 27 10.72 -10.47 -0.79
CA ILE B 27 9.74 -11.50 -1.06
C ILE B 27 8.71 -11.42 0.06
N ILE B 28 7.52 -10.92 -0.26
CA ILE B 28 6.44 -10.85 0.70
C ILE B 28 5.40 -11.92 0.37
N HIS B 29 5.05 -12.74 1.37
CA HIS B 29 4.00 -13.74 1.28
C HIS B 29 2.77 -13.20 2.01
N LEU B 30 1.73 -12.89 1.23
CA LEU B 30 0.44 -12.50 1.78
C LEU B 30 -0.38 -13.77 2.02
N TYR B 31 -0.74 -14.00 3.28
CA TYR B 31 -1.29 -15.29 3.69
C TYR B 31 -2.38 -15.25 4.76
N ARG B 32 -3.05 -16.40 4.92
CA ARG B 32 -3.92 -16.69 6.07
C ARG B 32 -3.61 -18.11 6.55
N SER B 33 -3.48 -18.29 7.87
CA SER B 33 -3.17 -19.60 8.46
C SER B 33 -4.23 -20.69 8.24
N SER B 34 -5.39 -20.26 7.76
CA SER B 34 -6.57 -21.11 7.55
C SER B 34 -6.40 -21.95 6.29
N ILE B 35 -5.44 -21.59 5.45
CA ILE B 35 -5.23 -22.19 4.14
C ILE B 35 -3.94 -23.02 4.12
N PRO B 36 -4.07 -24.37 4.05
CA PRO B 36 -2.93 -25.30 4.13
C PRO B 36 -1.74 -24.89 3.28
N MET B 37 -1.96 -24.60 2.01
CA MET B 37 -0.91 -24.11 1.12
C MET B 37 -0.07 -23.00 1.76
N CYS B 38 -0.71 -22.05 2.44
CA CYS B 38 -0.02 -20.95 3.11
C CYS B 38 0.89 -21.44 4.22
N LEU B 39 0.34 -22.30 5.08
CA LEU B 39 1.12 -22.98 6.12
C LEU B 39 2.38 -23.62 5.54
N LEU B 40 2.20 -24.32 4.42
CA LEU B 40 3.29 -25.02 3.74
C LEU B 40 4.31 -24.07 3.12
N VAL B 41 3.83 -22.96 2.59
CA VAL B 41 4.70 -22.02 1.86
C VAL B 41 5.62 -21.28 2.83
N ASN B 42 5.07 -20.92 3.98
CA ASN B 42 5.86 -20.32 5.05
C ASN B 42 6.97 -21.27 5.53
N GLN B 43 6.71 -22.57 5.49
CA GLN B 43 7.71 -23.57 5.91
C GLN B 43 8.93 -23.47 5.02
N HIS B 44 8.70 -23.46 3.72
CA HIS B 44 9.75 -23.32 2.70
C HIS B 44 10.44 -21.99 2.82
N LEU B 45 9.65 -20.92 3.00
CA LEU B 45 10.19 -19.56 3.01
C LEU B 45 11.03 -19.27 4.24
N SER B 46 10.76 -20.00 5.33
CA SER B 46 11.56 -19.90 6.55
C SER B 46 12.94 -20.46 6.28
N LEU B 47 12.95 -21.63 5.66
CA LEU B 47 14.18 -22.33 5.28
C LEU B 47 14.97 -21.54 4.24
N LEU B 48 14.27 -20.96 3.28
CA LEU B 48 14.92 -20.24 2.18
C LEU B 48 15.53 -18.94 2.69
N ALA B 49 14.83 -18.29 3.60
CA ALA B 49 15.36 -17.10 4.23
C ALA B 49 16.82 -17.33 4.65
N ARG B 50 17.05 -18.40 5.42
CA ARG B 50 18.36 -18.72 5.95
C ARG B 50 19.39 -19.01 4.87
N LYS B 51 18.94 -19.61 3.77
CA LYS B 51 19.81 -19.95 2.64
C LYS B 51 20.20 -18.73 1.80
N PHE B 52 19.35 -17.72 1.78
CA PHE B 52 19.63 -16.50 1.01
C PHE B 52 19.46 -15.26 1.89
N PRO B 53 20.43 -15.02 2.79
CA PRO B 53 20.36 -13.92 3.75
C PRO B 53 20.46 -12.54 3.08
N GLU B 54 20.84 -12.52 1.80
CA GLU B 54 20.88 -11.30 1.00
C GLU B 54 19.48 -10.81 0.63
N THR B 55 18.55 -11.74 0.43
CA THR B 55 17.17 -11.40 0.10
C THR B 55 16.32 -11.17 1.35
N LYS B 56 15.51 -10.12 1.31
CA LYS B 56 14.58 -9.85 2.40
C LYS B 56 13.36 -10.70 2.21
N PHE B 57 13.00 -11.42 3.27
CA PHE B 57 11.85 -12.34 3.30
C PHE B 57 10.89 -11.88 4.38
N VAL B 58 9.69 -11.46 3.99
CA VAL B 58 8.64 -11.13 4.99
C VAL B 58 7.33 -11.85 4.69
N LYS B 59 6.53 -12.04 5.74
CA LYS B 59 5.21 -12.62 5.59
C LYS B 59 4.18 -11.79 6.36
N ALA B 60 2.96 -11.75 5.85
CA ALA B 60 1.89 -10.96 6.46
C ALA B 60 0.51 -11.51 6.18
N ILE B 61 -0.33 -11.48 7.21
CA ILE B 61 -1.70 -11.95 7.14
C ILE B 61 -2.52 -10.90 6.38
N VAL B 62 -3.00 -11.26 5.18
CA VAL B 62 -3.72 -10.30 4.30
C VAL B 62 -4.81 -9.48 4.96
N ASN B 63 -5.48 -10.06 5.96
CA ASN B 63 -6.57 -9.38 6.64
C ASN B 63 -6.17 -8.03 7.19
N SER B 64 -4.89 -7.85 7.49
CA SER B 64 -4.42 -6.54 7.93
C SER B 64 -3.65 -5.75 6.86
N CYS B 65 -3.60 -6.27 5.63
CA CYS B 65 -3.05 -5.55 4.49
C CYS B 65 -4.15 -5.10 3.53
N ILE B 66 -4.93 -6.06 3.04
CA ILE B 66 -6.07 -5.79 2.18
C ILE B 66 -7.29 -6.51 2.75
N GLN B 67 -8.29 -5.75 3.12
CA GLN B 67 -9.52 -6.30 3.66
C GLN B 67 -10.43 -6.89 2.57
N HIS B 68 -11.11 -7.99 2.93
CA HIS B 68 -12.03 -8.74 2.06
C HIS B 68 -11.34 -9.50 0.93
N TYR B 69 -10.08 -9.85 1.17
CA TYR B 69 -9.28 -10.57 0.19
C TYR B 69 -9.80 -12.00 0.02
N HIS B 70 -9.90 -12.43 -1.22
CA HIS B 70 -10.52 -13.70 -1.54
C HIS B 70 -9.58 -14.91 -1.46
N ASP B 71 -10.06 -15.95 -0.77
CA ASP B 71 -9.34 -17.20 -0.62
C ASP B 71 -8.65 -17.66 -1.90
N ASN B 72 -9.38 -17.57 -3.02
CA ASN B 72 -8.86 -17.99 -4.33
C ASN B 72 -7.62 -17.24 -4.84
N CYS B 73 -7.32 -16.09 -4.24
CA CYS B 73 -6.10 -15.34 -4.53
C CYS B 73 -4.95 -15.73 -3.60
N LEU B 74 -5.22 -16.69 -2.71
CA LEU B 74 -4.21 -17.19 -1.78
C LEU B 74 -3.64 -18.55 -2.23
N PRO B 75 -2.33 -18.78 -2.00
CA PRO B 75 -1.42 -17.81 -1.40
C PRO B 75 -1.05 -16.73 -2.40
N THR B 76 -0.67 -15.56 -1.88
CA THR B 76 -0.13 -14.48 -2.68
C THR B 76 1.33 -14.25 -2.29
N ILE B 77 2.21 -14.31 -3.29
CA ILE B 77 3.61 -13.98 -3.15
C ILE B 77 3.94 -12.87 -4.15
N PHE B 78 4.38 -11.72 -3.62
CA PHE B 78 4.88 -10.63 -4.47
C PHE B 78 6.38 -10.52 -4.33
N VAL B 79 7.06 -10.27 -5.45
CA VAL B 79 8.50 -10.03 -5.45
C VAL B 79 8.75 -8.57 -5.80
N TYR B 80 9.53 -7.89 -4.97
CA TYR B 80 9.77 -6.44 -5.08
C TYR B 80 11.26 -6.11 -5.15
N LYS B 81 11.61 -5.14 -5.99
CA LYS B 81 12.91 -4.47 -5.92
C LYS B 81 12.71 -2.98 -6.18
N ASN B 82 13.28 -2.16 -5.29
CA ASN B 82 13.20 -0.69 -5.37
C ASN B 82 11.77 -0.15 -5.43
N GLY B 83 10.86 -0.83 -4.74
CA GLY B 83 9.46 -0.44 -4.71
C GLY B 83 8.64 -0.86 -5.91
N GLN B 84 9.24 -1.60 -6.84
CA GLN B 84 8.54 -2.06 -8.03
C GLN B 84 8.32 -3.56 -7.98
N ILE B 85 7.17 -4.01 -8.49
CA ILE B 85 6.85 -5.43 -8.50
C ILE B 85 7.57 -6.10 -9.66
N GLU B 86 8.38 -7.10 -9.34
CA GLU B 86 9.12 -7.85 -10.35
C GLU B 86 8.36 -9.10 -10.77
N ALA B 87 7.73 -9.77 -9.81
CA ALA B 87 6.89 -10.93 -10.09
C ALA B 87 5.70 -11.02 -9.14
N LYS B 88 4.59 -11.56 -9.64
CA LYS B 88 3.41 -11.82 -8.83
C LYS B 88 3.04 -13.29 -8.93
N PHE B 89 2.81 -13.94 -7.79
CA PHE B 89 2.26 -15.30 -7.78
C PHE B 89 1.00 -15.32 -6.93
N ILE B 90 -0.16 -15.40 -7.59
CA ILE B 90 -1.46 -15.32 -6.92
C ILE B 90 -2.28 -16.61 -7.07
N GLY B 91 -2.68 -17.21 -5.94
CA GLY B 91 -3.48 -18.43 -5.97
C GLY B 91 -2.65 -19.70 -6.10
N ILE B 92 -3.32 -20.82 -5.87
CA ILE B 92 -2.67 -22.13 -5.74
C ILE B 92 -1.85 -22.49 -6.97
N ILE B 93 -2.48 -22.40 -8.13
CA ILE B 93 -1.86 -22.78 -9.39
C ILE B 93 -0.50 -22.10 -9.62
N GLU B 94 -0.44 -20.79 -9.36
CA GLU B 94 0.75 -19.96 -9.58
C GLU B 94 1.83 -20.13 -8.53
N CYS B 95 1.43 -20.35 -7.29
CA CYS B 95 2.40 -20.66 -6.25
C CYS B 95 2.86 -22.11 -6.34
N GLY B 96 2.48 -22.78 -7.44
CA GLY B 96 2.99 -24.09 -7.79
C GLY B 96 2.34 -25.29 -7.15
N GLY B 97 1.04 -25.21 -6.89
CA GLY B 97 0.21 -26.37 -6.53
C GLY B 97 0.28 -26.84 -5.08
N ILE B 98 -0.69 -27.68 -4.68
CA ILE B 98 -0.83 -28.07 -3.27
C ILE B 98 0.34 -28.90 -2.74
N ASN B 99 0.84 -29.81 -3.57
CA ASN B 99 2.16 -30.37 -3.35
C ASN B 99 3.11 -29.40 -3.98
N LEU B 100 4.04 -28.89 -3.17
CA LEU B 100 5.05 -27.93 -3.58
C LEU B 100 6.23 -28.12 -2.65
N LYS B 101 7.38 -28.48 -3.23
CA LYS B 101 8.58 -28.79 -2.43
C LYS B 101 9.60 -27.64 -2.40
N LEU B 102 10.43 -27.65 -1.35
CA LEU B 102 11.39 -26.60 -1.07
C LEU B 102 12.10 -26.11 -2.33
N GLU B 103 12.57 -27.06 -3.14
CA GLU B 103 13.39 -26.74 -4.31
C GLU B 103 12.62 -26.12 -5.47
N GLU B 104 11.32 -26.40 -5.58
CA GLU B 104 10.55 -25.84 -6.70
C GLU B 104 10.00 -24.45 -6.42
N LEU B 105 9.90 -24.06 -5.15
CA LEU B 105 9.67 -22.66 -4.82
C LEU B 105 10.95 -21.87 -5.05
N GLU B 106 12.06 -22.42 -4.57
CA GLU B 106 13.39 -21.85 -4.76
C GLU B 106 13.66 -21.50 -6.21
N TRP B 107 13.44 -22.47 -7.08
CA TRP B 107 13.59 -22.33 -8.52
C TRP B 107 12.67 -21.24 -9.06
N LYS B 108 11.45 -21.22 -8.57
CA LYS B 108 10.43 -20.29 -9.04
C LYS B 108 10.79 -18.86 -8.68
N LEU B 109 11.24 -18.67 -7.45
CA LEU B 109 11.73 -17.39 -6.98
C LEU B 109 13.04 -17.01 -7.65
N ALA B 110 13.85 -18.01 -7.98
CA ALA B 110 15.13 -17.81 -8.68
C ALA B 110 14.97 -17.42 -10.14
N GLU B 111 14.01 -18.04 -10.83
CA GLU B 111 13.79 -17.77 -12.26
C GLU B 111 13.49 -16.30 -12.56
N VAL B 112 13.09 -15.56 -11.54
CA VAL B 112 12.69 -14.17 -11.74
C VAL B 112 13.61 -13.23 -11.00
N GLY B 113 14.61 -13.79 -10.33
CA GLY B 113 15.78 -13.04 -9.87
C GLY B 113 15.86 -12.76 -8.39
N ALA B 114 14.89 -13.26 -7.64
CA ALA B 114 14.70 -12.85 -6.26
C ALA B 114 15.78 -13.35 -5.32
N ILE B 115 16.25 -14.57 -5.54
CA ILE B 115 17.28 -15.15 -4.69
C ILE B 115 18.54 -15.51 -5.48
N GLN B 116 19.67 -15.54 -4.79
CA GLN B 116 20.97 -15.69 -5.45
C GLN B 116 22.06 -16.18 -4.50
N THR B 117 22.91 -17.06 -5.00
CA THR B 117 24.21 -17.30 -4.38
C THR B 117 25.16 -16.49 -5.23
N ASP B 118 26.05 -15.71 -4.60
CA ASP B 118 26.95 -14.82 -5.35
C ASP B 118 28.43 -15.21 -5.29
C1 PEG C . 6.16 6.10 -1.54
O1 PEG C . 7.36 6.58 -0.94
C2 PEG C . 4.96 6.61 -0.73
O2 PEG C . 3.77 6.42 -1.48
C3 PEG C . 2.64 6.25 -0.64
C4 PEG C . 1.82 5.04 -1.07
O4 PEG C . 1.20 4.46 0.09
NA NA D . -9.88 13.80 -16.95
C1 PEG E . -0.47 -4.73 -1.73
O1 PEG E . -0.06 -4.02 -0.55
C2 PEG E . 0.00 -3.99 -2.97
O2 PEG E . -0.50 -4.62 -4.16
C3 PEG E . -1.04 -3.67 -5.07
C4 PEG E . -1.04 -4.22 -6.50
O4 PEG E . -2.40 -4.39 -6.94
NA NA F . 20.56 -8.41 -9.48
#